data_4ALW
#
_entry.id   4ALW
#
_cell.length_a   97.449
_cell.length_b   97.449
_cell.length_c   81.003
_cell.angle_alpha   90.00
_cell.angle_beta   90.00
_cell.angle_gamma   120.00
#
_symmetry.space_group_name_H-M   'P 65'
#
loop_
_entity.id
_entity.type
_entity.pdbx_description
1 polymer 'PIM-1 KINASE'
2 non-polymer IMIDAZOLE
3 non-polymer 8-BROMANYL-2-[(4-METHYLPIPERAZIN-1-YL)METHYL]-3H-[1]BENZOFURO[3,2-D]PYRIMIDIN-4-ONE
4 water water
#
_entity_poly.entity_id   1
_entity_poly.type   'polypeptide(L)'
_entity_poly.pdbx_seq_one_letter_code
;MHHHHHHGENLYFQGSLLSKINSLAHLRAAPCNDLHATKLAPGKEKEPLESQYQVGPLLGSGGFGSVYSGIRVSDNLPVA
IKHVEKDRISDWGELPNGTRVPMEVVLLKKVSSGFSGVIRLLDWFERPDSFVLILERPEPVQDLFDFITERGALQEELAR
SFFWQVLEAVRHCHNCGVLHRDIKDENILIDLNRGELKLIDFGSGALLKDTVYTDFDGTRVYSPPEWIRYHRYHGRSAAV
WSLGILLYDMVCGDIPFEHDEEIIRGQVFFRQRVSSECQHLIRWCLALRPSDRPTFEEIQNHPWMQDVLLPQETAEIHLH
SLSPGPSK
;
_entity_poly.pdbx_strand_id   A
#
loop_
_chem_comp.id
_chem_comp.type
_chem_comp.name
_chem_comp.formula
HY7 non-polymer 8-BROMANYL-2-[(4-METHYLPIPERAZIN-1-YL)METHYL]-3H-[1]BENZOFURO[3,2-D]PYRIMIDIN-4-ONE 'C16 H17 Br N4 O2'
IMD non-polymer IMIDAZOLE 'C3 H5 N2 1'
#
# COMPACT_ATOMS: atom_id res chain seq x y z
N LEU A 49 13.00 23.20 -13.81
CA LEU A 49 14.10 22.34 -13.22
C LEU A 49 14.06 22.22 -11.67
N GLU A 50 14.89 21.35 -11.06
CA GLU A 50 14.96 21.25 -9.59
C GLU A 50 16.03 22.16 -9.06
N SER A 51 15.81 23.44 -9.30
CA SER A 51 16.20 24.51 -8.41
C SER A 51 14.95 24.88 -7.56
N GLN A 52 13.80 24.26 -7.88
CA GLN A 52 12.56 24.48 -7.11
C GLN A 52 12.52 23.71 -5.80
N TYR A 53 13.45 22.76 -5.64
CA TYR A 53 13.52 21.88 -4.47
C TYR A 53 14.86 21.81 -3.81
N GLN A 54 14.89 21.96 -2.49
CA GLN A 54 16.08 21.59 -1.77
C GLN A 54 16.02 20.07 -1.46
N VAL A 55 16.96 19.29 -2.00
CA VAL A 55 17.11 17.88 -1.65
C VAL A 55 17.65 17.65 -0.21
N GLY A 56 16.96 16.82 0.58
CA GLY A 56 17.46 16.46 1.93
C GLY A 56 17.96 15.02 1.87
N PRO A 57 17.96 14.30 3.00
CA PRO A 57 18.55 12.95 3.07
C PRO A 57 17.79 11.87 2.23
N LEU A 58 18.54 10.86 1.80
CA LEU A 58 17.98 9.71 1.15
C LEU A 58 16.99 9.07 2.17
N LEU A 59 15.75 8.74 1.75
CA LEU A 59 14.81 8.01 2.62
C LEU A 59 14.82 6.52 2.35
N GLY A 60 15.13 6.09 1.15
CA GLY A 60 15.08 4.66 0.82
C GLY A 60 15.49 4.46 -0.63
N SER A 61 15.86 3.23 -0.98
CA SER A 61 16.08 2.89 -2.36
C SER A 61 15.86 1.39 -2.65
N GLY A 62 15.82 0.98 -3.92
CA GLY A 62 15.55 -0.44 -4.17
C GLY A 62 15.49 -0.74 -5.61
N GLY A 63 14.75 -1.81 -5.99
CA GLY A 63 14.66 -2.12 -7.43
C GLY A 63 14.14 -0.94 -8.26
N PHE A 64 13.23 -0.14 -7.68
CA PHE A 64 12.56 0.88 -8.46
C PHE A 64 13.47 2.08 -8.77
N GLY A 65 14.43 2.41 -7.85
CA GLY A 65 15.23 3.71 -7.88
C GLY A 65 15.45 4.15 -6.41
N SER A 66 15.30 5.45 -6.13
CA SER A 66 15.63 6.07 -4.79
C SER A 66 14.72 7.19 -4.46
N VAL A 67 14.50 7.46 -3.16
CA VAL A 67 13.68 8.52 -2.76
C VAL A 67 14.33 9.31 -1.69
N TYR A 68 14.17 10.64 -1.80
CA TYR A 68 14.77 11.65 -0.90
C TYR A 68 13.72 12.47 -0.28
N SER A 69 14.07 12.98 0.89
CA SER A 69 13.30 14.02 1.57
C SER A 69 13.67 15.30 0.86
N GLY A 70 12.72 16.24 0.77
CA GLY A 70 12.97 17.45 0.05
C GLY A 70 12.05 18.48 0.58
N ILE A 71 12.24 19.70 0.07
CA ILE A 71 11.44 20.84 0.54
C ILE A 71 11.23 21.69 -0.69
N ARG A 72 9.98 22.07 -0.93
CA ARG A 72 9.72 22.91 -2.08
C ARG A 72 10.12 24.34 -1.71
N VAL A 73 11.05 24.86 -2.50
CA VAL A 73 11.79 26.12 -2.19
C VAL A 73 10.84 27.31 -2.04
N SER A 74 9.90 27.45 -2.98
CA SER A 74 8.95 28.56 -2.98
C SER A 74 8.20 28.67 -1.68
N ASP A 75 7.42 27.66 -1.30
CA ASP A 75 6.69 27.71 -0.01
C ASP A 75 7.23 26.92 1.17
N ASN A 76 8.40 26.30 1.06
CA ASN A 76 8.84 25.34 2.10
C ASN A 76 7.97 24.06 2.35
N LEU A 77 7.16 23.68 1.39
CA LEU A 77 6.30 22.54 1.59
C LEU A 77 7.16 21.31 1.72
N PRO A 78 6.98 20.49 2.77
CA PRO A 78 7.70 19.17 2.71
C PRO A 78 7.25 18.23 1.55
N VAL A 79 8.21 17.66 0.84
CA VAL A 79 7.92 16.73 -0.27
C VAL A 79 8.86 15.51 -0.24
N ALA A 80 8.60 14.55 -1.09
CA ALA A 80 9.52 13.42 -1.19
C ALA A 80 9.82 13.45 -2.66
N ILE A 81 11.01 13.06 -3.05
CA ILE A 81 11.45 13.18 -4.41
C ILE A 81 11.87 11.85 -4.83
N LYS A 82 11.06 11.23 -5.69
CA LYS A 82 11.30 9.85 -6.07
C LYS A 82 11.83 9.74 -7.49
N HIS A 83 12.99 9.10 -7.61
CA HIS A 83 13.68 8.87 -8.87
C HIS A 83 13.43 7.49 -9.35
N VAL A 84 12.82 7.37 -10.52
CA VAL A 84 12.36 6.06 -11.05
C VAL A 84 13.25 5.82 -12.28
N GLU A 85 14.05 4.76 -12.23
CA GLU A 85 14.95 4.39 -13.31
C GLU A 85 14.14 3.78 -14.44
N LYS A 86 14.30 4.35 -15.62
CA LYS A 86 13.62 3.80 -16.86
C LYS A 86 13.67 2.28 -17.08
N ASP A 87 14.86 1.67 -16.93
CA ASP A 87 15.04 0.31 -17.35
C ASP A 87 14.40 -0.60 -16.38
N ARG A 88 13.94 -0.06 -15.26
CA ARG A 88 13.29 -0.90 -14.25
CA ARG A 88 13.28 -0.91 -14.28
C ARG A 88 11.77 -0.72 -14.29
N ILE A 89 11.31 0.17 -15.16
CA ILE A 89 9.88 0.42 -15.26
C ILE A 89 9.15 -0.83 -15.83
N SER A 90 8.43 -1.57 -14.96
CA SER A 90 7.72 -2.78 -15.47
C SER A 90 6.54 -2.52 -16.45
N ASP A 91 5.99 -1.27 -16.46
CA ASP A 91 4.85 -0.83 -17.33
C ASP A 91 4.81 0.67 -17.65
N TRP A 92 4.51 0.96 -18.92
CA TRP A 92 4.40 2.32 -19.35
C TRP A 92 2.98 2.59 -19.73
N GLY A 93 2.62 3.86 -19.74
CA GLY A 93 1.28 4.27 -20.07
C GLY A 93 1.46 5.58 -20.75
N GLU A 94 0.36 6.30 -20.96
CA GLU A 94 0.52 7.64 -21.49
C GLU A 94 -0.61 8.53 -21.08
N LEU A 95 -0.39 9.82 -21.26
CA LEU A 95 -1.19 10.83 -20.58
C LEU A 95 -2.46 11.16 -21.37
N PRO A 96 -3.50 11.76 -20.68
CA PRO A 96 -4.65 12.27 -21.49
C PRO A 96 -4.19 12.97 -22.79
N ASN A 97 -3.39 14.04 -22.73
CA ASN A 97 -2.73 14.50 -23.97
C ASN A 97 -2.05 13.31 -24.70
N GLY A 98 -1.22 12.56 -24.00
CA GLY A 98 -0.64 11.36 -24.57
C GLY A 98 0.88 11.34 -24.64
N THR A 99 1.55 11.80 -23.56
CA THR A 99 3.02 11.68 -23.39
C THR A 99 3.45 10.31 -22.78
N ARG A 100 4.54 9.73 -23.26
CA ARG A 100 4.96 8.43 -22.73
C ARG A 100 5.65 8.46 -21.30
N VAL A 101 4.87 8.09 -20.28
CA VAL A 101 5.25 8.16 -18.84
C VAL A 101 5.18 6.78 -18.15
N PRO A 102 5.91 6.60 -17.02
CA PRO A 102 5.61 5.38 -16.27
C PRO A 102 4.09 5.26 -15.96
N MET A 103 3.59 4.04 -16.03
CA MET A 103 2.23 3.76 -15.55
C MET A 103 2.03 4.35 -14.14
N GLU A 104 3.03 4.27 -13.30
CA GLU A 104 2.94 4.83 -11.97
C GLU A 104 2.40 6.28 -11.99
N VAL A 105 2.91 7.09 -12.93
CA VAL A 105 2.38 8.49 -13.07
C VAL A 105 0.93 8.52 -13.56
N VAL A 106 0.57 7.63 -14.49
CA VAL A 106 -0.81 7.61 -14.89
C VAL A 106 -1.69 7.27 -13.68
N LEU A 107 -1.26 6.26 -12.89
CA LEU A 107 -2.10 5.78 -11.79
C LEU A 107 -2.20 6.85 -10.72
N LEU A 108 -1.09 7.52 -10.39
CA LEU A 108 -1.12 8.54 -9.38
C LEU A 108 -2.07 9.68 -9.79
N LYS A 109 -2.09 10.03 -11.08
CA LYS A 109 -2.99 11.11 -11.55
C LYS A 109 -4.42 10.68 -11.42
N LYS A 110 -4.72 9.42 -11.75
CA LYS A 110 -6.14 8.94 -11.59
C LYS A 110 -6.59 9.03 -10.15
N VAL A 111 -5.72 8.77 -9.20
CA VAL A 111 -6.18 8.75 -7.79
C VAL A 111 -6.03 10.07 -7.05
N SER A 112 -5.35 11.04 -7.69
CA SER A 112 -5.18 12.39 -7.08
C SER A 112 -6.52 13.01 -6.68
N SER A 113 -6.62 13.41 -5.42
CA SER A 113 -7.84 14.12 -4.98
C SER A 113 -7.50 14.70 -3.59
N GLY A 114 -8.47 15.36 -2.95
CA GLY A 114 -8.26 15.90 -1.57
C GLY A 114 -8.40 14.81 -0.50
N PHE A 115 -8.72 13.58 -0.95
CA PHE A 115 -8.76 12.45 -0.04
C PHE A 115 -7.36 12.13 0.47
N SER A 116 -7.12 12.24 1.78
CA SER A 116 -5.78 12.14 2.27
C SER A 116 -5.26 10.69 2.40
N GLY A 117 -6.13 9.69 2.03
CA GLY A 117 -5.73 8.28 2.27
C GLY A 117 -4.81 7.69 1.22
N VAL A 118 -4.66 8.40 0.10
CA VAL A 118 -3.75 7.99 -0.95
C VAL A 118 -2.77 9.19 -1.17
N ILE A 119 -1.48 8.90 -1.33
CA ILE A 119 -0.45 9.97 -1.49
C ILE A 119 -0.77 10.80 -2.73
N ARG A 120 -0.45 12.11 -2.62
CA ARG A 120 -0.69 13.01 -3.74
C ARG A 120 0.58 13.26 -4.59
N LEU A 121 0.51 13.02 -5.89
CA LEU A 121 1.58 13.43 -6.84
C LEU A 121 1.46 14.97 -7.05
N LEU A 122 2.47 15.70 -6.66
CA LEU A 122 2.53 17.16 -6.83
C LEU A 122 3.09 17.60 -8.19
N ASP A 123 4.02 16.84 -8.73
CA ASP A 123 4.64 17.26 -9.97
C ASP A 123 5.53 16.17 -10.38
N TRP A 124 6.04 16.24 -11.60
CA TRP A 124 6.96 15.23 -12.11
C TRP A 124 7.78 15.84 -13.25
N PHE A 125 8.95 15.23 -13.52
CA PHE A 125 9.95 15.69 -14.53
C PHE A 125 10.47 14.45 -15.20
N GLU A 126 10.80 14.58 -16.48
CA GLU A 126 11.52 13.59 -17.22
C GLU A 126 13.02 13.93 -17.34
N ARG A 127 13.86 12.88 -17.34
CA ARG A 127 15.31 12.97 -17.54
C ARG A 127 15.73 11.80 -18.42
N PRO A 128 16.96 11.87 -19.00
CA PRO A 128 17.37 10.84 -19.89
C PRO A 128 17.22 9.42 -19.37
N ASP A 129 17.48 9.13 -18.07
CA ASP A 129 17.43 7.69 -17.67
C ASP A 129 16.42 7.40 -16.62
N SER A 130 15.69 8.43 -16.25
CA SER A 130 14.83 8.37 -15.09
C SER A 130 13.61 9.37 -15.21
N PHE A 131 12.56 9.12 -14.42
CA PHE A 131 11.68 10.23 -14.03
C PHE A 131 11.83 10.69 -12.61
N VAL A 132 11.36 11.88 -12.30
CA VAL A 132 11.44 12.34 -10.95
C VAL A 132 10.05 12.76 -10.55
N LEU A 133 9.53 12.04 -9.53
CA LEU A 133 8.19 12.30 -9.01
C LEU A 133 8.31 13.10 -7.78
N ILE A 134 7.48 14.14 -7.65
CA ILE A 134 7.41 14.95 -6.45
C ILE A 134 6.12 14.63 -5.71
N LEU A 135 6.24 14.17 -4.45
CA LEU A 135 5.11 13.64 -3.76
C LEU A 135 5.00 14.37 -2.49
N GLU A 136 3.77 14.42 -1.99
CA GLU A 136 3.42 14.87 -0.66
C GLU A 136 4.29 14.18 0.36
N ARG A 137 4.64 14.87 1.43
CA ARG A 137 5.36 14.26 2.50
C ARG A 137 4.83 14.72 3.82
N PRO A 138 4.17 13.80 4.53
CA PRO A 138 3.65 14.07 5.90
C PRO A 138 4.86 14.22 6.86
N GLU A 139 4.68 14.94 7.93
CA GLU A 139 5.80 15.17 8.82
C GLU A 139 5.31 15.50 10.23
N PRO A 140 5.69 14.72 11.26
CA PRO A 140 6.51 13.56 11.26
C PRO A 140 5.72 12.35 10.65
N VAL A 141 6.44 11.41 10.05
CA VAL A 141 5.83 10.26 9.37
C VAL A 141 6.67 9.05 9.70
N GLN A 142 6.07 7.85 9.61
CA GLN A 142 6.83 6.63 9.73
C GLN A 142 6.05 5.58 8.94
N ASP A 143 6.73 4.78 8.16
CA ASP A 143 6.03 3.72 7.42
C ASP A 143 5.60 2.60 8.36
N LEU A 144 4.65 1.84 7.90
CA LEU A 144 4.06 0.91 8.80
C LEU A 144 5.03 -0.26 9.10
N PHE A 145 5.92 -0.60 8.17
CA PHE A 145 6.89 -1.65 8.43
C PHE A 145 7.78 -1.29 9.63
N ASP A 146 8.25 -0.03 9.68
CA ASP A 146 9.14 0.41 10.77
C ASP A 146 8.37 0.54 12.07
N PHE A 147 7.14 1.03 11.95
CA PHE A 147 6.27 1.09 13.12
C PHE A 147 6.09 -0.25 13.79
N ILE A 148 5.76 -1.27 12.99
CA ILE A 148 5.67 -2.66 13.48
C ILE A 148 7.02 -3.19 13.98
N THR A 149 8.13 -2.91 13.29
CA THR A 149 9.46 -3.33 13.81
C THR A 149 9.69 -2.76 15.19
N GLU A 150 9.22 -1.56 15.45
CA GLU A 150 9.59 -0.88 16.64
C GLU A 150 8.62 -1.27 17.73
N ARG A 151 7.35 -1.47 17.37
CA ARG A 151 6.34 -1.71 18.38
C ARG A 151 5.81 -3.13 18.55
N GLY A 152 6.24 -4.04 17.70
CA GLY A 152 5.72 -5.39 17.63
C GLY A 152 4.27 -5.47 17.14
N ALA A 153 3.60 -6.59 17.46
CA ALA A 153 2.23 -6.82 17.11
C ALA A 153 1.36 -5.70 17.67
N LEU A 154 0.41 -5.22 16.88
CA LEU A 154 -0.37 -4.06 17.26
C LEU A 154 -1.59 -4.51 18.09
N GLN A 155 -1.98 -3.75 19.12
CA GLN A 155 -3.26 -4.01 19.80
C GLN A 155 -4.38 -4.03 18.74
N GLU A 156 -5.43 -4.86 18.93
CA GLU A 156 -6.50 -4.96 17.90
C GLU A 156 -7.15 -3.65 17.59
N GLU A 157 -7.37 -2.81 18.61
CA GLU A 157 -8.04 -1.55 18.32
C GLU A 157 -7.24 -0.68 17.39
N LEU A 158 -5.94 -0.69 17.57
CA LEU A 158 -5.07 0.07 16.67
C LEU A 158 -5.04 -0.57 15.29
N ALA A 159 -4.90 -1.88 15.26
CA ALA A 159 -4.96 -2.60 13.95
C ALA A 159 -6.28 -2.35 13.22
N ARG A 160 -7.44 -2.31 13.93
CA ARG A 160 -8.73 -2.08 13.32
C ARG A 160 -8.75 -0.71 12.67
N SER A 161 -8.23 0.30 13.36
CA SER A 161 -8.22 1.67 12.86
C SER A 161 -7.34 1.72 11.62
N PHE A 162 -6.16 1.13 11.67
CA PHE A 162 -5.25 1.21 10.54
C PHE A 162 -5.83 0.41 9.36
N PHE A 163 -6.31 -0.80 9.67
CA PHE A 163 -6.82 -1.64 8.56
C PHE A 163 -8.00 -0.99 7.87
N TRP A 164 -8.94 -0.42 8.64
CA TRP A 164 -10.11 0.32 8.08
C TRP A 164 -9.61 1.40 7.16
N GLN A 165 -8.67 2.24 7.63
CA GLN A 165 -8.16 3.27 6.79
C GLN A 165 -7.52 2.73 5.50
N VAL A 166 -6.83 1.61 5.60
CA VAL A 166 -6.23 1.11 4.37
C VAL A 166 -7.37 0.71 3.43
N LEU A 167 -8.38 0.03 3.96
CA LEU A 167 -9.51 -0.41 3.10
C LEU A 167 -10.20 0.79 2.42
N GLU A 168 -10.34 1.93 3.12
CA GLU A 168 -10.92 3.13 2.52
C GLU A 168 -9.99 3.63 1.37
N ALA A 169 -8.65 3.58 1.59
CA ALA A 169 -7.64 4.03 0.56
C ALA A 169 -7.70 3.08 -0.68
N VAL A 170 -7.71 1.77 -0.45
CA VAL A 170 -7.82 0.82 -1.59
C VAL A 170 -9.11 0.95 -2.34
N ARG A 171 -10.27 1.00 -1.64
CA ARG A 171 -11.58 1.29 -2.32
C ARG A 171 -11.49 2.56 -3.14
N HIS A 172 -10.91 3.65 -2.61
CA HIS A 172 -10.71 4.87 -3.47
C HIS A 172 -9.90 4.49 -4.76
N CYS A 173 -8.78 3.79 -4.62
CA CYS A 173 -7.97 3.44 -5.81
C CYS A 173 -8.86 2.70 -6.79
N HIS A 174 -9.62 1.73 -6.28
CA HIS A 174 -10.49 0.89 -7.22
C HIS A 174 -11.61 1.69 -7.82
N ASN A 175 -12.09 2.69 -7.12
CA ASN A 175 -13.24 3.51 -7.61
C ASN A 175 -12.69 4.40 -8.70
N CYS A 176 -11.39 4.75 -8.64
CA CYS A 176 -10.66 5.57 -9.63
C CYS A 176 -10.11 4.74 -10.77
N GLY A 177 -10.41 3.44 -10.76
CA GLY A 177 -9.95 2.54 -11.85
C GLY A 177 -8.50 2.14 -11.73
N VAL A 178 -7.92 2.14 -10.48
CA VAL A 178 -6.51 1.76 -10.26
C VAL A 178 -6.44 0.57 -9.28
N LEU A 179 -5.68 -0.42 -9.69
CA LEU A 179 -5.26 -1.61 -8.91
C LEU A 179 -3.81 -1.41 -8.40
N HIS A 180 -3.62 -1.41 -7.06
CA HIS A 180 -2.27 -1.07 -6.54
C HIS A 180 -1.23 -2.21 -6.77
N ARG A 181 -1.65 -3.47 -6.50
CA ARG A 181 -0.83 -4.65 -6.63
C ARG A 181 0.41 -4.80 -5.73
N ASP A 182 0.67 -3.87 -4.81
CA ASP A 182 1.75 -4.16 -3.83
C ASP A 182 1.35 -3.64 -2.44
N ILE A 183 0.12 -3.93 -2.01
CA ILE A 183 -0.33 -3.43 -0.69
C ILE A 183 0.51 -4.19 0.36
N LYS A 184 1.19 -3.47 1.26
CA LYS A 184 1.99 -4.14 2.24
C LYS A 184 2.47 -3.05 3.20
N ASP A 185 2.97 -3.48 4.36
CA ASP A 185 3.33 -2.50 5.35
C ASP A 185 4.29 -1.41 4.88
N GLU A 186 5.29 -1.73 4.06
CA GLU A 186 6.29 -0.74 3.64
C GLU A 186 5.68 0.24 2.63
N ASN A 187 4.52 -0.06 2.06
CA ASN A 187 3.86 0.90 1.17
C ASN A 187 2.69 1.64 1.85
N ILE A 188 2.74 1.81 3.16
CA ILE A 188 1.78 2.55 3.93
C ILE A 188 2.51 3.52 4.86
N LEU A 189 2.18 4.82 4.76
CA LEU A 189 2.84 5.79 5.64
C LEU A 189 1.89 6.16 6.74
N ILE A 190 2.39 6.43 7.95
CA ILE A 190 1.55 6.94 9.04
C ILE A 190 1.86 8.40 9.32
N ASP A 191 0.85 9.29 9.17
CA ASP A 191 0.95 10.73 9.47
C ASP A 191 0.73 10.68 10.96
N LEU A 192 1.83 10.60 11.72
CA LEU A 192 1.76 10.45 13.18
C LEU A 192 0.94 11.55 13.88
N ASN A 193 1.00 12.80 13.44
CA ASN A 193 0.26 13.80 14.22
C ASN A 193 -1.24 13.57 14.12
N ARG A 194 -1.69 13.21 12.93
CA ARG A 194 -3.13 13.13 12.62
C ARG A 194 -3.74 11.71 12.71
N GLY A 195 -2.92 10.70 12.92
CA GLY A 195 -3.35 9.26 12.96
C GLY A 195 -3.89 8.76 11.58
N GLU A 196 -3.42 9.37 10.49
CA GLU A 196 -3.98 9.12 9.15
C GLU A 196 -2.98 8.29 8.39
N LEU A 197 -3.41 7.20 7.76
CA LEU A 197 -2.51 6.40 6.90
C LEU A 197 -2.57 6.86 5.46
N LYS A 198 -1.45 6.75 4.73
CA LYS A 198 -1.48 7.03 3.32
C LYS A 198 -0.89 5.88 2.55
N LEU A 199 -1.53 5.45 1.46
CA LEU A 199 -0.98 4.40 0.60
C LEU A 199 -0.05 5.10 -0.37
N ILE A 200 1.13 4.52 -0.55
CA ILE A 200 2.12 5.08 -1.46
C ILE A 200 2.47 4.00 -2.48
N ASP A 201 3.25 4.39 -3.49
CA ASP A 201 3.96 3.47 -4.38
C ASP A 201 3.10 2.67 -5.36
N PHE A 202 2.74 3.32 -6.47
CA PHE A 202 1.99 2.64 -7.49
C PHE A 202 2.90 2.08 -8.55
N GLY A 203 4.18 1.94 -8.21
CA GLY A 203 5.16 1.32 -9.15
C GLY A 203 4.95 -0.08 -9.63
N SER A 204 4.12 -0.89 -8.93
CA SER A 204 3.74 -2.22 -9.43
C SER A 204 2.28 -2.29 -9.92
N GLY A 205 1.63 -1.13 -9.97
CA GLY A 205 0.16 -1.08 -10.16
C GLY A 205 -0.28 -1.26 -11.61
N ALA A 206 -1.58 -1.22 -11.85
CA ALA A 206 -2.09 -1.33 -13.21
C ALA A 206 -3.44 -0.69 -13.21
N LEU A 207 -3.97 -0.43 -14.43
CA LEU A 207 -5.37 -0.05 -14.51
C LEU A 207 -6.18 -1.30 -14.06
N LEU A 208 -7.26 -1.06 -13.33
CA LEU A 208 -8.14 -2.09 -12.86
C LEU A 208 -8.96 -2.60 -14.08
N LYS A 209 -9.15 -3.90 -14.18
CA LYS A 209 -9.93 -4.52 -15.26
C LYS A 209 -10.64 -5.73 -14.65
N ASP A 210 -11.63 -6.28 -15.35
CA ASP A 210 -12.43 -7.39 -14.82
C ASP A 210 -11.96 -8.75 -15.30
N THR A 211 -10.94 -8.77 -16.15
CA THR A 211 -10.40 -10.01 -16.73
C THR A 211 -9.10 -10.32 -16.00
N VAL A 212 -8.40 -11.38 -16.40
CA VAL A 212 -7.27 -11.94 -15.62
C VAL A 212 -5.98 -11.20 -15.88
N TYR A 213 -5.20 -10.99 -14.84
CA TYR A 213 -3.83 -10.51 -15.01
C TYR A 213 -2.87 -11.71 -15.08
N THR A 214 -1.82 -11.63 -15.91
CA THR A 214 -0.90 -12.74 -16.08
C THR A 214 0.50 -12.18 -15.88
N ASP A 215 0.61 -10.92 -15.48
CA ASP A 215 1.89 -10.37 -15.13
C ASP A 215 1.80 -9.95 -13.68
N PHE A 216 2.91 -9.96 -12.96
CA PHE A 216 2.90 -9.45 -11.60
C PHE A 216 4.28 -9.15 -11.14
N ASP A 217 4.55 -8.01 -10.54
CA ASP A 217 5.91 -7.74 -10.06
CA ASP A 217 5.87 -7.70 -10.09
C ASP A 217 5.78 -7.04 -8.73
N GLY A 218 4.74 -7.34 -7.96
CA GLY A 218 4.74 -6.75 -6.61
C GLY A 218 5.40 -7.73 -5.67
N THR A 219 4.96 -7.82 -4.42
CA THR A 219 5.76 -8.60 -3.45
C THR A 219 5.28 -10.09 -3.38
N ARG A 220 6.23 -11.05 -3.60
CA ARG A 220 5.80 -12.48 -3.71
C ARG A 220 5.07 -12.99 -2.43
N VAL A 221 5.55 -12.66 -1.23
CA VAL A 221 4.97 -13.28 -0.03
C VAL A 221 3.59 -12.64 0.30
N TYR A 222 3.16 -11.61 -0.46
CA TYR A 222 1.79 -11.04 -0.37
C TYR A 222 0.91 -11.50 -1.51
N SER A 223 1.51 -12.24 -2.47
CA SER A 223 0.75 -12.65 -3.67
C SER A 223 0.01 -14.01 -3.42
N PRO A 224 -1.13 -14.22 -4.08
CA PRO A 224 -2.04 -15.23 -3.72
C PRO A 224 -1.67 -16.55 -4.39
N PRO A 225 -2.32 -17.58 -3.94
CA PRO A 225 -1.89 -18.90 -4.39
C PRO A 225 -2.13 -19.11 -5.88
N GLU A 226 -3.18 -18.51 -6.43
CA GLU A 226 -3.42 -18.63 -7.85
C GLU A 226 -2.29 -17.96 -8.65
N TRP A 227 -1.65 -16.92 -8.15
CA TRP A 227 -0.48 -16.39 -8.82
C TRP A 227 0.67 -17.42 -8.73
N ILE A 228 0.91 -17.95 -7.53
CA ILE A 228 2.04 -18.85 -7.35
C ILE A 228 1.87 -20.09 -8.23
N ARG A 229 0.67 -20.67 -8.23
CA ARG A 229 0.47 -21.91 -8.95
C ARG A 229 0.32 -21.70 -10.47
N TYR A 230 -0.45 -20.71 -10.94
CA TYR A 230 -0.90 -20.59 -12.34
C TYR A 230 -0.46 -19.32 -13.04
N HIS A 231 0.22 -18.47 -12.31
CA HIS A 231 0.52 -17.20 -12.86
C HIS A 231 -0.72 -16.44 -13.42
N ARG A 232 -1.86 -16.50 -12.72
CA ARG A 232 -3.01 -15.76 -13.16
C ARG A 232 -3.71 -15.33 -11.91
N TYR A 233 -4.31 -14.15 -11.91
CA TYR A 233 -5.17 -13.74 -10.76
C TYR A 233 -6.16 -12.66 -11.28
N HIS A 234 -7.23 -12.41 -10.54
CA HIS A 234 -8.10 -11.29 -10.81
C HIS A 234 -7.75 -10.21 -9.76
N GLY A 235 -8.06 -9.00 -10.11
CA GLY A 235 -7.52 -7.79 -9.39
C GLY A 235 -8.02 -7.75 -7.96
N ARG A 236 -9.34 -7.75 -7.81
CA ARG A 236 -9.95 -7.50 -6.47
C ARG A 236 -9.64 -8.65 -5.53
N SER A 237 -9.83 -9.93 -5.94
CA SER A 237 -9.55 -10.97 -4.99
C SER A 237 -8.06 -11.14 -4.69
N ALA A 238 -7.16 -10.77 -5.60
CA ALA A 238 -5.74 -10.79 -5.23
C ALA A 238 -5.49 -9.64 -4.20
N ALA A 239 -6.17 -8.48 -4.38
CA ALA A 239 -6.05 -7.30 -3.45
C ALA A 239 -6.49 -7.83 -2.04
N VAL A 240 -7.57 -8.56 -1.98
CA VAL A 240 -8.14 -8.98 -0.72
C VAL A 240 -7.18 -9.97 -0.08
N TRP A 241 -6.54 -10.92 -0.82
CA TRP A 241 -5.50 -11.79 -0.23
C TRP A 241 -4.44 -10.95 0.41
N SER A 242 -3.93 -9.96 -0.32
CA SER A 242 -2.86 -9.19 0.28
C SER A 242 -3.33 -8.46 1.51
N LEU A 243 -4.58 -8.01 1.52
CA LEU A 243 -5.15 -7.30 2.75
C LEU A 243 -5.14 -8.28 3.94
N GLY A 244 -5.42 -9.54 3.66
CA GLY A 244 -5.38 -10.62 4.74
C GLY A 244 -3.93 -10.82 5.25
N ILE A 245 -2.90 -10.79 4.35
CA ILE A 245 -1.54 -10.95 4.81
C ILE A 245 -1.22 -9.68 5.64
N LEU A 246 -1.69 -8.52 5.17
CA LEU A 246 -1.41 -7.24 5.93
C LEU A 246 -2.05 -7.27 7.29
N LEU A 247 -3.31 -7.77 7.40
CA LEU A 247 -3.95 -7.65 8.71
C LEU A 247 -3.22 -8.66 9.58
N TYR A 248 -2.90 -9.90 9.10
CA TYR A 248 -2.07 -10.80 9.93
C TYR A 248 -0.83 -10.11 10.43
N ASP A 249 -0.14 -9.45 9.52
CA ASP A 249 1.12 -8.81 9.89
C ASP A 249 0.90 -7.80 10.97
N MET A 250 -0.22 -7.06 10.96
CA MET A 250 -0.40 -6.06 11.96
C MET A 250 -0.65 -6.72 13.32
N VAL A 251 -1.49 -7.77 13.38
CA VAL A 251 -1.92 -8.27 14.71
C VAL A 251 -0.89 -9.30 15.24
N CYS A 252 -0.05 -9.88 14.35
CA CYS A 252 0.92 -10.87 14.81
C CYS A 252 2.34 -10.32 14.76
N GLY A 253 2.57 -9.23 14.04
CA GLY A 253 3.88 -8.57 14.04
C GLY A 253 4.83 -9.13 12.98
N ASP A 254 4.34 -10.03 12.12
CA ASP A 254 5.09 -10.62 11.01
C ASP A 254 4.12 -11.22 10.02
N ILE A 255 4.55 -11.42 8.77
CA ILE A 255 3.66 -12.04 7.80
C ILE A 255 3.47 -13.57 8.03
N PRO A 256 2.38 -14.16 7.54
CA PRO A 256 2.18 -15.58 7.90
C PRO A 256 2.95 -16.62 7.06
N PHE A 257 3.35 -16.30 5.81
CA PHE A 257 3.90 -17.28 4.85
C PHE A 257 5.23 -16.72 4.39
N GLU A 258 6.30 -17.52 4.43
CA GLU A 258 7.52 -17.18 3.72
C GLU A 258 7.72 -17.98 2.41
N HIS A 259 7.34 -19.24 2.38
CA HIS A 259 7.66 -20.10 1.20
C HIS A 259 6.44 -20.28 0.31
N ASP A 260 6.69 -20.50 -0.97
CA ASP A 260 5.62 -20.76 -1.92
C ASP A 260 4.73 -21.88 -1.39
N GLU A 261 5.34 -22.89 -0.76
CA GLU A 261 4.54 -24.08 -0.36
C GLU A 261 3.53 -23.64 0.72
N GLU A 262 3.98 -22.77 1.63
CA GLU A 262 3.08 -22.27 2.70
CA GLU A 262 3.11 -22.24 2.70
C GLU A 262 1.95 -21.43 2.09
N ILE A 263 2.28 -20.61 1.07
CA ILE A 263 1.21 -19.82 0.38
C ILE A 263 0.14 -20.72 -0.20
N ILE A 264 0.60 -21.75 -0.96
CA ILE A 264 -0.34 -22.61 -1.65
C ILE A 264 -1.14 -23.46 -0.69
N ARG A 265 -0.54 -23.88 0.44
CA ARG A 265 -1.34 -24.66 1.43
C ARG A 265 -2.35 -23.70 2.15
N GLY A 266 -1.93 -22.44 2.42
CA GLY A 266 -2.95 -21.47 2.91
C GLY A 266 -3.35 -21.71 4.39
N GLN A 267 -2.53 -22.41 5.19
CA GLN A 267 -2.97 -22.83 6.56
C GLN A 267 -2.47 -21.73 7.45
N VAL A 268 -3.32 -21.06 8.18
CA VAL A 268 -2.83 -19.90 8.98
C VAL A 268 -2.62 -20.32 10.44
N PHE A 269 -1.47 -20.05 11.07
CA PHE A 269 -1.22 -20.33 12.47
C PHE A 269 -1.05 -18.97 13.14
N PHE A 270 -1.81 -18.75 14.22
CA PHE A 270 -1.66 -17.52 15.01
C PHE A 270 -0.61 -17.70 16.07
N ARG A 271 0.43 -16.86 15.99
CA ARG A 271 1.58 -16.97 16.85
C ARG A 271 1.46 -16.01 18.07
N GLN A 272 0.45 -15.10 18.04
CA GLN A 272 0.13 -14.15 19.14
C GLN A 272 -1.38 -14.45 19.47
N ARG A 273 -1.81 -13.94 20.59
CA ARG A 273 -3.20 -14.06 20.97
C ARG A 273 -3.93 -13.02 20.13
N VAL A 274 -4.88 -13.48 19.35
CA VAL A 274 -5.67 -12.63 18.49
C VAL A 274 -7.09 -13.16 18.67
N SER A 275 -8.06 -12.24 18.65
CA SER A 275 -9.51 -12.58 18.97
C SER A 275 -10.06 -13.46 17.89
N SER A 276 -11.07 -14.29 18.19
CA SER A 276 -11.58 -15.19 17.18
C SER A 276 -12.20 -14.44 16.06
N GLU A 277 -12.73 -13.25 16.31
CA GLU A 277 -13.38 -12.47 15.19
C GLU A 277 -12.31 -12.03 14.21
N CYS A 278 -11.21 -11.52 14.74
CA CYS A 278 -10.07 -11.11 13.85
C CYS A 278 -9.56 -12.30 13.08
N GLN A 279 -9.34 -13.46 13.76
CA GLN A 279 -8.81 -14.66 13.10
C GLN A 279 -9.75 -15.06 11.97
N HIS A 280 -11.08 -14.98 12.23
CA HIS A 280 -12.11 -15.38 11.25
C HIS A 280 -11.95 -14.46 9.97
N LEU A 281 -11.75 -13.18 10.22
CA LEU A 281 -11.67 -12.24 9.06
C LEU A 281 -10.41 -12.56 8.28
N ILE A 282 -9.29 -12.81 9.01
CA ILE A 282 -7.97 -13.02 8.31
C ILE A 282 -8.13 -14.27 7.48
N ARG A 283 -8.71 -15.32 8.06
CA ARG A 283 -8.73 -16.63 7.33
C ARG A 283 -9.74 -16.47 6.19
N TRP A 284 -10.74 -15.57 6.34
CA TRP A 284 -11.65 -15.30 5.18
C TRP A 284 -10.91 -14.62 4.04
N CYS A 285 -10.19 -13.51 4.34
CA CYS A 285 -9.39 -12.84 3.30
C CYS A 285 -8.45 -13.85 2.65
N LEU A 286 -7.93 -14.88 3.40
CA LEU A 286 -6.93 -15.81 2.84
C LEU A 286 -7.60 -17.13 2.38
N ALA A 287 -8.85 -17.08 1.96
CA ALA A 287 -9.53 -18.26 1.33
C ALA A 287 -8.72 -18.66 0.11
N LEU A 288 -8.41 -19.97 0.04
CA LEU A 288 -7.60 -20.49 -1.09
C LEU A 288 -8.29 -20.17 -2.44
N ARG A 289 -9.56 -20.42 -2.55
CA ARG A 289 -10.29 -20.12 -3.76
C ARG A 289 -10.66 -18.65 -3.80
N PRO A 290 -10.25 -17.94 -4.87
CA PRO A 290 -10.49 -16.54 -5.00
C PRO A 290 -11.96 -16.16 -4.74
N SER A 291 -12.92 -16.94 -5.22
CA SER A 291 -14.29 -16.48 -5.17
C SER A 291 -14.80 -16.73 -3.73
N ASP A 292 -14.04 -17.44 -2.91
CA ASP A 292 -14.36 -17.61 -1.46
C ASP A 292 -13.93 -16.42 -0.58
N ARG A 293 -13.16 -15.44 -1.14
CA ARG A 293 -12.76 -14.30 -0.30
C ARG A 293 -13.83 -13.23 -0.24
N PRO A 294 -13.82 -12.44 0.87
CA PRO A 294 -14.89 -11.43 1.01
C PRO A 294 -14.71 -10.28 -0.04
N THR A 295 -15.76 -9.53 -0.37
CA THR A 295 -15.57 -8.30 -1.14
C THR A 295 -15.22 -7.20 -0.12
N PHE A 296 -14.90 -6.00 -0.60
CA PHE A 296 -14.60 -4.86 0.40
C PHE A 296 -15.73 -4.63 1.31
N GLU A 297 -16.94 -4.68 0.76
CA GLU A 297 -18.10 -4.43 1.56
C GLU A 297 -18.21 -5.45 2.63
N GLU A 298 -18.01 -6.72 2.33
CA GLU A 298 -18.08 -7.82 3.35
C GLU A 298 -16.96 -7.68 4.39
N ILE A 299 -15.82 -7.19 3.97
CA ILE A 299 -14.76 -6.95 5.02
C ILE A 299 -15.24 -5.81 5.91
N GLN A 300 -15.72 -4.68 5.35
CA GLN A 300 -16.03 -3.55 6.26
C GLN A 300 -17.32 -3.75 7.11
N ASN A 301 -18.14 -4.72 6.70
CA ASN A 301 -19.29 -5.14 7.55
C ASN A 301 -19.00 -6.27 8.50
N HIS A 302 -17.75 -6.76 8.49
CA HIS A 302 -17.42 -7.85 9.40
C HIS A 302 -17.54 -7.43 10.85
N PRO A 303 -17.99 -8.32 11.73
CA PRO A 303 -18.10 -7.92 13.17
C PRO A 303 -16.76 -7.36 13.66
N TRP A 304 -15.60 -7.86 13.17
CA TRP A 304 -14.37 -7.33 13.79
C TRP A 304 -14.19 -5.86 13.48
N MET A 305 -14.78 -5.37 12.39
CA MET A 305 -14.53 -4.03 11.84
C MET A 305 -15.41 -2.92 12.48
N GLN A 306 -16.21 -3.26 13.49
CA GLN A 306 -17.27 -2.32 13.89
C GLN A 306 -16.64 -1.38 14.93
N ASP A 307 -17.17 -0.14 15.04
CA ASP A 307 -16.76 0.76 16.10
C ASP A 307 -15.33 1.18 15.95
N VAL A 308 -14.92 1.51 14.73
CA VAL A 308 -13.53 1.85 14.48
C VAL A 308 -13.31 3.23 15.09
N LEU A 309 -12.10 3.49 15.57
CA LEU A 309 -11.69 4.79 16.05
C LEU A 309 -11.58 5.77 14.87
N LEU A 310 -11.78 7.06 15.21
CA LEU A 310 -11.49 8.07 14.24
C LEU A 310 -9.97 8.25 14.17
N PRO A 311 -9.45 8.76 13.05
CA PRO A 311 -7.95 8.90 13.03
C PRO A 311 -7.37 9.76 14.21
N GLN A 312 -7.98 10.96 14.49
CA GLN A 312 -7.45 11.79 15.57
C GLN A 312 -7.41 11.05 16.87
N GLU A 313 -8.52 10.34 17.20
CA GLU A 313 -8.59 9.50 18.41
C GLU A 313 -7.50 8.42 18.39
N THR A 314 -7.27 7.87 17.19
CA THR A 314 -6.21 6.91 17.05
C THR A 314 -4.84 7.51 17.39
N ALA A 315 -4.62 8.72 16.93
CA ALA A 315 -3.32 9.39 17.22
C ALA A 315 -3.16 9.64 18.77
N GLU A 316 -4.23 10.13 19.35
CA GLU A 316 -4.25 10.46 20.75
C GLU A 316 -4.04 9.26 21.65
N ILE A 317 -4.76 8.15 21.41
CA ILE A 317 -4.59 6.97 22.20
C ILE A 317 -3.32 6.19 21.94
N HIS A 318 -2.93 6.05 20.66
CA HIS A 318 -1.92 5.07 20.31
C HIS A 318 -0.65 5.67 19.80
N LEU A 319 -0.73 6.88 19.27
CA LEU A 319 0.48 7.42 18.66
C LEU A 319 1.09 8.56 19.48
N HIS A 320 0.39 8.91 20.55
CA HIS A 320 0.70 10.05 21.45
CA HIS A 320 0.73 10.03 21.45
C HIS A 320 0.97 11.33 20.66
N SER A 321 -0.10 11.76 19.94
CA SER A 321 -0.10 12.82 18.88
C SER A 321 -1.49 13.40 18.69
N1 IMD B . 6.98 -5.45 9.88
C2 IMD B . 6.66 -6.73 9.93
N3 IMD B . 7.61 -7.31 10.69
C4 IMD B . 8.52 -6.39 11.09
C5 IMD B . 8.13 -5.19 10.53
C5 HY7 C . 9.22 2.24 -3.23
C6 HY7 C . 9.00 0.69 -3.29
N3 HY7 C . 8.09 0.32 -2.17
C7 HY7 C . 7.93 -1.16 -2.02
C8 HY7 C . 8.54 0.73 -0.80
C9 HY7 C . 8.58 2.27 -0.78
N2 HY7 C . 9.56 2.65 -1.86
C4 HY7 C . 9.91 4.09 -1.81
C3 HY7 C . 8.83 5.12 -1.82
N4 HY7 C . 8.77 6.01 -0.88
C10 HY7 C . 7.85 7.02 -0.92
C11 HY7 C . 7.53 8.08 -0.07
C12 HY7 C . 8.10 8.54 1.11
C13 HY7 C . 7.44 9.64 1.60
BR1 HY7 C . 8.04 10.34 3.28
C14 HY7 C . 6.34 10.34 1.04
C15 HY7 C . 5.80 9.86 -0.16
C16 HY7 C . 6.45 8.76 -0.65
O2 HY7 C . 6.15 8.07 -1.76
C1 HY7 C . 6.99 7.08 -2.00
C2 HY7 C . 7.02 6.09 -3.01
O1 HY7 C . 6.23 6.06 -3.97
N1 HY7 C . 8.03 5.19 -2.91
N1 IMD D . -11.43 -10.39 -8.40
C2 IMD D . -11.10 -11.57 -7.92
N3 IMD D . -11.97 -12.52 -8.23
C4 IMD D . -12.98 -11.86 -8.93
C5 IMD D . -12.61 -10.54 -9.07
#